data_4QDZ
#
_entry.id   4QDZ
#
_cell.length_a   68.161
_cell.length_b   74.914
_cell.length_c   136.086
_cell.angle_alpha   90.00
_cell.angle_beta   90.00
_cell.angle_gamma   90.00
#
_symmetry.space_group_name_H-M   'I 2 2 2'
#
loop_
_entity.id
_entity.type
_entity.pdbx_description
1 polymer 'Diacylglycerol acyltransferase/mycolyltransferase Ag85C'
2 non-polymer 'HEXAETHYLENE GLYCOL'
3 non-polymer 'ACETATE ION'
4 water water
#
_entity_poly.entity_id   1
_entity_poly.type   'polypeptide(L)'
_entity_poly.pdbx_seq_one_letter_code
;MAFSRPGLPVEYLQVPSASMGRDIKVQFQGGGPHAVYLLDGLRAQDDYNGWDINTPAFEEYYQSGLSVIMPVGGQSSFYT
DWYQPSQSNGQNYTYKWETFLTREMPAWLQANKGVSPTGNAAVGLSMSGGSALILAAYYPQQFPYAASLSGFLNPSEGWW
PTLIGLAMNDSGGYNANSMWGPSSDPAWKRNDPMVQIPRLVANNTRIWVYCGNGTPSDLGGDNIPAKFLQGLTLRTNQTF
RDTYAADGGRNGVFNFPPNGTHSWPYWNEQLVAMKADIQHVLNGATPPAAPAAPAAHHHHHH
;
_entity_poly.pdbx_strand_id   A
#
loop_
_chem_comp.id
_chem_comp.type
_chem_comp.name
_chem_comp.formula
ACT non-polymer 'ACETATE ION' 'C2 H3 O2 -1'
P6G non-polymer 'HEXAETHYLENE GLYCOL' 'C12 H26 O7'
#
# COMPACT_ATOMS: atom_id res chain seq x y z
N LEU A 8 -23.51 2.49 -5.44
CA LEU A 8 -23.87 1.09 -5.21
C LEU A 8 -23.34 0.15 -6.33
N PRO A 9 -23.47 0.56 -7.62
CA PRO A 9 -22.76 -0.31 -8.60
C PRO A 9 -21.27 0.03 -8.74
N VAL A 10 -20.46 -0.96 -9.14
CA VAL A 10 -19.03 -0.75 -9.32
C VAL A 10 -18.74 0.05 -10.58
N GLU A 11 -17.93 1.09 -10.47
CA GLU A 11 -17.63 1.96 -11.60
C GLU A 11 -16.17 1.86 -12.00
N TYR A 12 -15.88 2.12 -13.27
CA TYR A 12 -14.51 2.21 -13.76
C TYR A 12 -14.27 3.64 -14.24
N LEU A 13 -13.41 4.36 -13.54
CA LEU A 13 -13.24 5.80 -13.73
C LEU A 13 -11.92 6.13 -14.41
N GLN A 14 -11.94 7.19 -15.22
CA GLN A 14 -10.72 7.74 -15.81
C GLN A 14 -10.37 9.03 -15.07
N VAL A 15 -9.33 8.97 -14.24
CA VAL A 15 -8.97 10.10 -13.39
C VAL A 15 -7.65 10.69 -13.86
N PRO A 16 -7.69 11.92 -14.41
CA PRO A 16 -6.46 12.53 -14.91
C PRO A 16 -5.40 12.72 -13.81
N SER A 17 -4.16 12.43 -14.17
CA SER A 17 -3.01 12.72 -13.32
C SER A 17 -2.17 13.75 -14.03
N ALA A 18 -2.18 14.98 -13.55
CA ALA A 18 -1.35 16.03 -14.15
C ALA A 18 0.13 15.67 -14.00
N SER A 19 0.48 15.13 -12.84
CA SER A 19 1.87 14.81 -12.53
C SER A 19 2.42 13.67 -13.39
N MET A 20 1.56 12.74 -13.79
CA MET A 20 2.02 11.64 -14.64
C MET A 20 1.65 11.87 -16.11
N GLY A 21 0.88 12.92 -16.38
CA GLY A 21 0.56 13.27 -17.75
C GLY A 21 -0.27 12.22 -18.47
N ARG A 22 -1.16 11.57 -17.74
CA ARG A 22 -2.02 10.54 -18.31
C ARG A 22 -3.24 10.31 -17.41
N ASP A 23 -4.22 9.58 -17.92
CA ASP A 23 -5.37 9.23 -17.10
C ASP A 23 -5.11 7.94 -16.35
N ILE A 24 -5.45 7.92 -15.07
CA ILE A 24 -5.32 6.71 -14.28
C ILE A 24 -6.67 6.07 -14.11
N LYS A 25 -6.78 4.79 -14.44
CA LYS A 25 -8.03 4.06 -14.25
C LYS A 25 -8.22 3.75 -12.76
N VAL A 26 -9.43 3.97 -12.28
CA VAL A 26 -9.74 3.71 -10.88
C VAL A 26 -11.05 2.95 -10.81
N GLN A 27 -11.04 1.78 -10.19
CA GLN A 27 -12.27 1.05 -9.93
C GLN A 27 -12.87 1.56 -8.63
N PHE A 28 -14.18 1.81 -8.62
CA PHE A 28 -14.76 2.52 -7.49
C PHE A 28 -16.13 1.98 -7.12
N GLN A 29 -16.36 1.81 -5.82
CA GLN A 29 -17.66 1.48 -5.29
C GLN A 29 -18.03 2.47 -4.19
N GLY A 30 -19.13 3.20 -4.35
CA GLY A 30 -19.54 4.18 -3.36
C GLY A 30 -20.08 3.47 -2.13
N GLY A 31 -20.47 4.21 -1.12
CA GLY A 31 -21.07 3.58 0.05
C GLY A 31 -20.98 4.43 1.30
N GLY A 32 -20.22 5.51 1.20
CA GLY A 32 -20.01 6.39 2.34
C GLY A 32 -18.96 7.43 2.03
N PRO A 33 -18.88 8.49 2.86
CA PRO A 33 -17.92 9.58 2.66
C PRO A 33 -16.48 9.16 2.89
N HIS A 34 -16.25 8.15 3.73
CA HIS A 34 -14.90 7.65 3.96
C HIS A 34 -14.64 6.38 3.19
N ALA A 35 -13.39 6.16 2.81
CA ALA A 35 -13.09 5.11 1.85
C ALA A 35 -11.92 4.24 2.28
N VAL A 36 -11.94 3.02 1.78
CA VAL A 36 -10.79 2.14 1.89
C VAL A 36 -10.04 2.18 0.56
N TYR A 37 -8.79 2.62 0.59
CA TYR A 37 -7.94 2.59 -0.60
C TYR A 37 -7.30 1.22 -0.68
N LEU A 38 -7.65 0.43 -1.69
CA LEU A 38 -7.08 -0.89 -1.82
C LEU A 38 -5.94 -0.91 -2.84
N LEU A 39 -4.72 -0.97 -2.33
CA LEU A 39 -3.54 -0.87 -3.17
C LEU A 39 -3.11 -2.25 -3.64
N ASP A 40 -2.49 -2.30 -4.81
CA ASP A 40 -2.21 -3.55 -5.51
C ASP A 40 -0.80 -4.07 -5.21
N GLY A 41 -0.49 -5.26 -5.69
CA GLY A 41 0.81 -5.86 -5.42
C GLY A 41 1.87 -5.46 -6.43
N LEU A 42 3.03 -6.11 -6.38
CA LEU A 42 4.14 -5.73 -7.27
C LEU A 42 3.76 -5.75 -8.75
N ARG A 43 3.02 -6.76 -9.17
CA ARG A 43 2.65 -6.86 -10.57
C ARG A 43 1.27 -6.30 -10.84
N ALA A 44 0.99 -5.14 -10.25
CA ALA A 44 -0.21 -4.38 -10.58
C ALA A 44 -0.38 -4.30 -12.10
N GLN A 45 -1.54 -4.72 -12.58
CA GLN A 45 -1.83 -4.73 -14.02
C GLN A 45 -2.55 -3.44 -14.45
N ASP A 46 -2.59 -3.22 -15.77
CA ASP A 46 -3.18 -1.99 -16.29
C ASP A 46 -4.67 -2.14 -16.62
N ASP A 47 -5.23 -3.34 -16.45
CA ASP A 47 -6.63 -3.56 -16.77
C ASP A 47 -7.50 -3.53 -15.51
N TYR A 48 -7.12 -4.28 -14.49
CA TYR A 48 -7.88 -4.34 -13.24
C TYR A 48 -6.95 -4.44 -12.05
N ASN A 49 -7.39 -3.89 -10.92
CA ASN A 49 -6.69 -4.03 -9.65
C ASN A 49 -6.74 -5.49 -9.19
N GLY A 50 -5.63 -6.00 -8.65
CA GLY A 50 -5.54 -7.39 -8.22
C GLY A 50 -6.60 -7.81 -7.19
N TRP A 51 -7.05 -6.87 -6.36
CA TRP A 51 -8.13 -7.18 -5.42
C TRP A 51 -9.41 -7.57 -6.16
N ASP A 52 -9.72 -6.90 -7.27
CA ASP A 52 -10.95 -7.22 -8.00
C ASP A 52 -10.78 -8.48 -8.84
N ILE A 53 -9.59 -8.68 -9.37
CA ILE A 53 -9.29 -9.89 -10.13
C ILE A 53 -9.45 -11.15 -9.27
N ASN A 54 -8.95 -11.10 -8.04
CA ASN A 54 -8.77 -12.30 -7.24
C ASN A 54 -9.66 -12.51 -6.03
N THR A 55 -10.39 -11.47 -5.61
CA THR A 55 -11.16 -11.53 -4.37
C THR A 55 -12.55 -10.92 -4.51
N PRO A 56 -13.47 -11.26 -3.59
CA PRO A 56 -14.76 -10.57 -3.56
C PRO A 56 -14.74 -9.29 -2.73
N ALA A 57 -13.62 -8.54 -2.78
CA ALA A 57 -13.46 -7.32 -1.98
C ALA A 57 -14.66 -6.37 -2.08
N PHE A 58 -15.08 -6.05 -3.31
CA PHE A 58 -16.20 -5.13 -3.48
C PHE A 58 -17.46 -5.65 -2.79
N GLU A 59 -17.77 -6.92 -3.03
CA GLU A 59 -18.94 -7.53 -2.41
C GLU A 59 -18.83 -7.56 -0.89
N GLU A 60 -17.63 -7.85 -0.40
CA GLU A 60 -17.41 -7.95 1.05
C GLU A 60 -17.58 -6.62 1.76
N TYR A 61 -17.31 -5.52 1.07
CA TYR A 61 -17.45 -4.20 1.67
C TYR A 61 -18.71 -3.45 1.21
N TYR A 62 -19.54 -4.12 0.43
CA TYR A 62 -20.81 -3.54 0.00
C TYR A 62 -21.72 -3.31 1.22
N GLN A 63 -22.27 -2.11 1.33
CA GLN A 63 -23.09 -1.72 2.50
C GLN A 63 -22.33 -1.76 3.83
N SER A 64 -21.00 -1.62 3.76
CA SER A 64 -20.17 -1.51 4.95
C SER A 64 -20.18 -0.09 5.53
N GLY A 65 -20.77 0.85 4.79
CA GLY A 65 -20.73 2.25 5.18
C GLY A 65 -19.45 2.92 4.72
N LEU A 66 -18.66 2.18 3.95
CA LEU A 66 -17.38 2.67 3.43
C LEU A 66 -17.36 2.58 1.91
N SER A 67 -16.79 3.59 1.26
CA SER A 67 -16.49 3.49 -0.15
C SER A 67 -15.23 2.63 -0.33
N VAL A 68 -15.08 2.05 -1.51
CA VAL A 68 -13.90 1.25 -1.85
C VAL A 68 -13.25 1.80 -3.12
N ILE A 69 -11.97 2.11 -3.02
CA ILE A 69 -11.22 2.67 -4.14
C ILE A 69 -10.11 1.72 -4.53
N MET A 70 -10.12 1.27 -5.78
CA MET A 70 -9.05 0.42 -6.31
C MET A 70 -8.35 1.08 -7.49
N PRO A 71 -7.25 1.80 -7.22
CA PRO A 71 -6.51 2.36 -8.36
C PRO A 71 -5.93 1.25 -9.25
N VAL A 72 -5.82 1.52 -10.54
CA VAL A 72 -5.37 0.48 -11.47
C VAL A 72 -4.05 0.91 -12.07
N GLY A 73 -3.07 0.00 -12.06
CA GLY A 73 -1.78 0.29 -12.68
C GLY A 73 -0.64 0.46 -11.68
N GLY A 74 0.53 0.78 -12.21
CA GLY A 74 1.71 1.04 -11.38
C GLY A 74 2.57 -0.15 -11.02
N GLN A 75 2.75 -1.08 -11.96
CA GLN A 75 3.68 -2.20 -11.72
C GLN A 75 5.03 -1.70 -11.20
N SER A 76 5.50 -2.32 -10.11
CA SER A 76 6.79 -2.04 -9.48
C SER A 76 6.97 -0.57 -9.05
N SER A 77 5.86 0.15 -8.87
CA SER A 77 5.95 1.58 -8.58
C SER A 77 6.18 1.89 -7.12
N PHE A 78 5.87 0.92 -6.25
CA PHE A 78 5.80 1.12 -4.80
C PHE A 78 4.91 2.29 -4.39
N TYR A 79 4.01 2.68 -5.29
CA TYR A 79 3.07 3.78 -5.06
C TYR A 79 3.76 5.02 -4.47
N THR A 80 4.91 5.33 -5.05
CA THR A 80 5.75 6.40 -4.55
C THR A 80 6.00 7.40 -5.68
N ASP A 81 6.55 8.57 -5.34
CA ASP A 81 7.00 9.52 -6.34
C ASP A 81 8.45 9.19 -6.70
N TRP A 82 8.68 8.80 -7.94
CA TRP A 82 10.01 8.46 -8.43
C TRP A 82 10.85 9.69 -8.76
N TYR A 83 12.18 9.53 -8.75
CA TYR A 83 13.07 10.61 -9.20
C TYR A 83 12.96 10.86 -10.71
N GLN A 84 12.78 9.79 -11.49
CA GLN A 84 12.82 9.91 -12.93
C GLN A 84 12.12 8.73 -13.59
N PRO A 85 11.90 8.78 -14.91
CA PRO A 85 11.40 7.57 -15.58
C PRO A 85 12.37 6.41 -15.42
N SER A 86 11.87 5.20 -15.30
CA SER A 86 12.75 4.05 -15.22
C SER A 86 13.52 3.97 -16.53
N GLN A 87 14.84 3.94 -16.46
CA GLN A 87 15.60 4.21 -17.68
C GLN A 87 15.63 3.06 -18.68
N SER A 88 16.14 1.90 -18.27
CA SER A 88 16.42 0.83 -19.23
C SER A 88 15.20 0.11 -19.80
N ASN A 89 13.99 0.34 -19.29
CA ASN A 89 12.84 -0.36 -19.84
C ASN A 89 11.96 0.55 -20.71
N GLY A 90 12.43 1.77 -20.93
CA GLY A 90 11.78 2.69 -21.85
C GLY A 90 10.54 3.39 -21.33
N GLN A 91 10.33 3.38 -20.01
CA GLN A 91 9.20 4.11 -19.44
C GLN A 91 9.32 5.57 -19.85
N ASN A 92 8.23 6.18 -20.32
CA ASN A 92 8.36 7.52 -20.92
C ASN A 92 7.73 8.62 -20.09
N TYR A 93 7.50 8.33 -18.82
CA TYR A 93 7.04 9.31 -17.85
C TYR A 93 7.54 8.93 -16.47
N THR A 94 7.45 9.85 -15.52
CA THR A 94 7.85 9.56 -14.16
C THR A 94 6.65 9.14 -13.32
N TYR A 95 6.77 7.97 -12.69
CA TYR A 95 5.78 7.54 -11.71
C TYR A 95 5.65 8.62 -10.64
N LYS A 96 4.43 9.10 -10.39
CA LYS A 96 4.20 10.04 -9.29
C LYS A 96 2.97 9.59 -8.49
N TRP A 97 3.04 8.36 -7.99
CA TRP A 97 1.87 7.75 -7.39
C TRP A 97 1.54 8.28 -6.00
N GLU A 98 2.54 8.81 -5.29
CA GLU A 98 2.22 9.44 -4.00
C GLU A 98 1.44 10.72 -4.24
N THR A 99 1.86 11.50 -5.23
CA THR A 99 1.14 12.72 -5.59
C THR A 99 -0.29 12.37 -6.03
N PHE A 100 -0.42 11.31 -6.83
CA PHE A 100 -1.76 10.93 -7.31
C PHE A 100 -2.66 10.50 -6.15
N LEU A 101 -2.14 9.67 -5.26
CA LEU A 101 -2.99 9.11 -4.20
C LEU A 101 -3.34 10.12 -3.10
N THR A 102 -2.49 11.13 -2.90
CA THR A 102 -2.69 12.07 -1.80
C THR A 102 -3.22 13.43 -2.25
N ARG A 103 -3.15 13.72 -3.53
CA ARG A 103 -3.63 15.02 -4.00
C ARG A 103 -4.63 14.89 -5.15
N GLU A 104 -4.18 14.33 -6.26
CA GLU A 104 -4.99 14.33 -7.49
C GLU A 104 -6.25 13.49 -7.37
N MET A 105 -6.09 12.23 -6.96
CA MET A 105 -7.25 11.36 -6.88
C MET A 105 -8.24 11.77 -5.79
N PRO A 106 -7.75 12.08 -4.57
CA PRO A 106 -8.81 12.47 -3.60
C PRO A 106 -9.53 13.77 -3.98
N ALA A 107 -8.84 14.71 -4.61
CA ALA A 107 -9.49 15.94 -5.08
C ALA A 107 -10.62 15.61 -6.05
N TRP A 108 -10.33 14.71 -6.99
CA TRP A 108 -11.29 14.30 -8.01
C TRP A 108 -12.48 13.59 -7.40
N LEU A 109 -12.21 12.70 -6.45
CA LEU A 109 -13.27 11.94 -5.82
C LEU A 109 -14.12 12.84 -4.93
N GLN A 110 -13.51 13.84 -4.32
CA GLN A 110 -14.25 14.79 -3.50
C GLN A 110 -15.17 15.62 -4.38
N ALA A 111 -14.63 16.21 -5.44
CA ALA A 111 -15.41 17.07 -6.33
C ALA A 111 -16.56 16.31 -6.98
N ASN A 112 -16.29 15.09 -7.43
CA ASN A 112 -17.26 14.38 -8.24
C ASN A 112 -18.18 13.44 -7.50
N LYS A 113 -17.75 12.95 -6.33
CA LYS A 113 -18.52 11.92 -5.66
C LYS A 113 -18.81 12.23 -4.20
N GLY A 114 -18.11 13.20 -3.64
CA GLY A 114 -18.32 13.58 -2.26
C GLY A 114 -17.55 12.70 -1.30
N VAL A 115 -16.56 11.99 -1.81
CA VAL A 115 -15.68 11.22 -0.94
C VAL A 115 -14.76 12.19 -0.20
N SER A 116 -14.71 12.04 1.13
CA SER A 116 -13.85 12.88 1.93
C SER A 116 -12.37 12.61 1.70
N PRO A 117 -11.57 13.67 1.51
CA PRO A 117 -10.11 13.50 1.37
C PRO A 117 -9.46 13.13 2.70
N THR A 118 -10.20 13.24 3.81
CA THR A 118 -9.63 12.93 5.13
C THR A 118 -10.39 11.79 5.79
N GLY A 119 -9.72 11.07 6.70
CA GLY A 119 -10.39 10.05 7.49
C GLY A 119 -10.60 8.73 6.77
N ASN A 120 -9.63 8.33 5.95
CA ASN A 120 -9.74 7.09 5.18
C ASN A 120 -8.74 6.01 5.62
N ALA A 121 -8.80 4.84 4.99
CA ALA A 121 -7.85 3.76 5.28
C ALA A 121 -7.05 3.41 4.04
N ALA A 122 -5.77 3.14 4.22
CA ALA A 122 -4.92 2.64 3.15
C ALA A 122 -4.59 1.18 3.45
N VAL A 123 -4.91 0.29 2.51
CA VAL A 123 -4.65 -1.13 2.69
C VAL A 123 -3.79 -1.61 1.53
N GLY A 124 -2.60 -2.14 1.85
CA GLY A 124 -1.67 -2.57 0.83
C GLY A 124 -1.19 -4.00 1.06
N LEU A 125 -0.66 -4.63 0.02
CA LEU A 125 -0.11 -5.97 0.17
C LEU A 125 1.14 -6.08 -0.67
N SER A 126 2.03 -6.97 -0.25
CA SER A 126 3.29 -7.17 -0.93
C SER A 126 3.95 -5.80 -1.10
N MET A 127 4.25 -5.44 -2.34
CA MET A 127 4.80 -4.13 -2.66
C MET A 127 4.15 -2.95 -1.91
N SER A 128 2.82 -2.92 -1.88
CA SER A 128 2.15 -1.75 -1.33
C SER A 128 1.87 -1.82 0.18
N GLY A 129 2.32 -2.90 0.83
CA GLY A 129 2.14 -3.02 2.27
C GLY A 129 2.91 -1.90 2.95
N GLY A 130 4.16 -1.75 2.56
CA GLY A 130 4.97 -0.64 3.04
C GLY A 130 4.38 0.70 2.64
N SER A 131 3.95 0.81 1.37
CA SER A 131 3.36 2.03 0.87
C SER A 131 2.21 2.54 1.75
N ALA A 132 1.34 1.62 2.17
CA ALA A 132 0.19 2.00 2.98
C ALA A 132 0.64 2.65 4.28
N LEU A 133 1.63 2.05 4.92
CA LEU A 133 2.14 2.60 6.17
C LEU A 133 2.83 3.95 5.95
N ILE A 134 3.56 4.08 4.84
CA ILE A 134 4.24 5.34 4.54
C ILE A 134 3.22 6.46 4.27
N LEU A 135 2.15 6.12 3.55
CA LEU A 135 1.09 7.10 3.31
C LEU A 135 0.48 7.58 4.64
N ALA A 136 0.23 6.66 5.56
CA ALA A 136 -0.31 7.05 6.86
C ALA A 136 0.73 7.85 7.65
N ALA A 137 2.00 7.49 7.53
CA ALA A 137 3.07 8.18 8.25
C ALA A 137 3.17 9.66 7.88
N TYR A 138 3.05 9.98 6.59
CA TYR A 138 3.24 11.36 6.14
C TYR A 138 1.93 12.09 5.90
N TYR A 139 0.84 11.35 5.77
CA TYR A 139 -0.48 11.97 5.55
C TYR A 139 -1.53 11.45 6.55
N PRO A 140 -1.29 11.69 7.85
CA PRO A 140 -2.13 11.09 8.90
C PRO A 140 -3.58 11.56 8.86
N GLN A 141 -3.82 12.78 8.42
CA GLN A 141 -5.17 13.30 8.30
CA GLN A 141 -5.19 13.27 8.33
C GLN A 141 -5.95 12.52 7.24
N GLN A 142 -5.25 12.14 6.16
CA GLN A 142 -5.92 11.40 5.08
C GLN A 142 -6.10 9.94 5.47
N PHE A 143 -5.11 9.39 6.18
CA PHE A 143 -5.11 7.97 6.58
C PHE A 143 -4.85 7.74 8.06
N PRO A 144 -5.90 7.84 8.88
CA PRO A 144 -5.79 7.44 10.29
C PRO A 144 -5.68 5.92 10.43
N TYR A 145 -5.89 5.19 9.34
CA TYR A 145 -5.84 3.73 9.36
C TYR A 145 -4.94 3.22 8.24
N ALA A 146 -4.05 2.28 8.55
CA ALA A 146 -3.22 1.69 7.50
C ALA A 146 -2.97 0.21 7.75
N ALA A 147 -3.08 -0.60 6.69
CA ALA A 147 -2.82 -2.03 6.82
C ALA A 147 -1.74 -2.47 5.83
N SER A 148 -0.86 -3.34 6.30
CA SER A 148 0.19 -3.92 5.46
C SER A 148 0.11 -5.43 5.52
N LEU A 149 -0.19 -6.06 4.39
CA LEU A 149 -0.29 -7.51 4.29
C LEU A 149 0.92 -8.06 3.53
N SER A 150 1.80 -8.78 4.22
CA SER A 150 3.02 -9.34 3.60
C SER A 150 3.84 -8.23 2.94
N GLY A 151 4.00 -7.11 3.64
CA GLY A 151 4.70 -5.98 3.09
C GLY A 151 6.20 -6.02 3.36
N PHE A 152 6.94 -5.12 2.70
CA PHE A 152 8.37 -5.03 2.92
C PHE A 152 8.62 -3.88 3.87
N LEU A 153 8.78 -4.19 5.14
CA LEU A 153 8.67 -3.16 6.18
C LEU A 153 9.99 -2.52 6.61
N ASN A 154 11.09 -2.93 5.99
CA ASN A 154 12.40 -2.30 6.27
C ASN A 154 13.23 -2.22 4.99
N PRO A 155 12.70 -1.55 3.95
CA PRO A 155 13.32 -1.60 2.60
C PRO A 155 14.71 -1.01 2.51
N SER A 156 15.10 -0.14 3.45
CA SER A 156 16.39 0.52 3.35
C SER A 156 17.51 -0.28 3.99
N GLU A 157 17.16 -1.37 4.66
CA GLU A 157 18.12 -2.04 5.53
C GLU A 157 18.73 -3.29 4.90
N GLY A 158 20.02 -3.51 5.16
CA GLY A 158 20.67 -4.76 4.80
C GLY A 158 20.60 -5.11 3.34
N TRP A 159 20.09 -6.31 3.03
CA TRP A 159 19.97 -6.78 1.66
C TRP A 159 18.72 -6.26 0.96
N TRP A 160 17.82 -5.61 1.69
CA TRP A 160 16.52 -5.26 1.10
C TRP A 160 16.61 -4.36 -0.16
N PRO A 161 17.45 -3.30 -0.15
CA PRO A 161 17.52 -2.53 -1.40
C PRO A 161 17.96 -3.36 -2.62
N THR A 162 18.86 -4.30 -2.39
CA THR A 162 19.31 -5.20 -3.45
C THR A 162 18.18 -6.10 -3.92
N LEU A 163 17.46 -6.69 -2.96
CA LEU A 163 16.38 -7.63 -3.28
C LEU A 163 15.21 -6.91 -3.93
N ILE A 164 14.94 -5.70 -3.47
CA ILE A 164 13.87 -4.92 -4.07
C ILE A 164 14.24 -4.53 -5.50
N GLY A 165 15.50 -4.17 -5.71
CA GLY A 165 15.98 -3.89 -7.06
C GLY A 165 15.82 -5.08 -8.00
N LEU A 166 16.14 -6.28 -7.50
CA LEU A 166 16.00 -7.50 -8.29
C LEU A 166 14.53 -7.79 -8.58
N ALA A 167 13.69 -7.58 -7.58
CA ALA A 167 12.26 -7.84 -7.74
C ALA A 167 11.69 -6.93 -8.80
N MET A 168 12.09 -5.66 -8.78
CA MET A 168 11.60 -4.69 -9.76
C MET A 168 12.11 -5.03 -11.16
N ASN A 169 13.33 -5.53 -11.26
CA ASN A 169 13.84 -5.94 -12.56
C ASN A 169 13.04 -7.12 -13.11
N ASP A 170 12.72 -8.08 -12.23
CA ASP A 170 12.02 -9.30 -12.61
C ASP A 170 10.51 -9.06 -12.78
N SER A 171 10.03 -7.86 -12.48
CA SER A 171 8.66 -7.48 -12.80
C SER A 171 8.61 -6.19 -13.61
N GLY A 172 8.89 -6.29 -14.91
CA GLY A 172 8.74 -5.15 -15.79
C GLY A 172 10.05 -4.47 -16.17
N GLY A 173 11.17 -4.96 -15.65
CA GLY A 173 12.47 -4.38 -15.95
C GLY A 173 12.67 -3.01 -15.32
N TYR A 174 11.92 -2.74 -14.25
CA TYR A 174 12.02 -1.45 -13.58
C TYR A 174 13.31 -1.38 -12.80
N ASN A 175 13.80 -0.16 -12.58
CA ASN A 175 15.08 0.02 -11.91
C ASN A 175 14.95 0.88 -10.67
N ALA A 176 15.29 0.30 -9.53
CA ALA A 176 15.07 0.97 -8.24
C ALA A 176 15.88 2.25 -8.11
N ASN A 177 16.99 2.34 -8.85
CA ASN A 177 17.79 3.57 -8.81
C ASN A 177 17.03 4.77 -9.33
N SER A 178 16.14 4.57 -10.30
CA SER A 178 15.33 5.66 -10.80
C SER A 178 14.23 6.06 -9.82
N MET A 179 13.92 5.15 -8.89
CA MET A 179 12.83 5.36 -7.95
C MET A 179 13.30 6.14 -6.74
N TRP A 180 14.22 5.54 -5.99
CA TRP A 180 14.72 6.16 -4.75
C TRP A 180 16.22 6.38 -4.75
N GLY A 181 16.87 6.22 -5.91
CA GLY A 181 18.30 6.41 -6.02
C GLY A 181 19.06 5.20 -5.53
N PRO A 182 20.39 5.32 -5.43
CA PRO A 182 21.20 4.25 -4.81
C PRO A 182 20.78 4.09 -3.36
N SER A 183 21.12 2.97 -2.72
CA SER A 183 20.64 2.69 -1.36
C SER A 183 21.13 3.70 -0.31
N SER A 184 22.11 4.53 -0.67
CA SER A 184 22.57 5.62 0.20
C SER A 184 21.68 6.86 0.16
N ASP A 185 20.82 6.94 -0.86
CA ASP A 185 19.95 8.10 -1.06
C ASP A 185 18.94 8.19 0.09
N PRO A 186 18.66 9.40 0.58
CA PRO A 186 17.73 9.57 1.71
C PRO A 186 16.30 9.08 1.43
N ALA A 187 15.95 8.88 0.16
CA ALA A 187 14.60 8.43 -0.17
C ALA A 187 14.34 7.03 0.37
N TRP A 188 15.39 6.22 0.48
CA TRP A 188 15.20 4.86 0.98
C TRP A 188 14.74 4.88 2.44
N LYS A 189 15.37 5.69 3.28
CA LYS A 189 14.94 5.77 4.67
C LYS A 189 13.63 6.55 4.82
N ARG A 190 13.44 7.57 3.99
CA ARG A 190 12.19 8.34 3.98
C ARG A 190 10.99 7.39 3.80
N ASN A 191 11.15 6.41 2.93
CA ASN A 191 10.05 5.52 2.57
C ASN A 191 10.12 4.16 3.25
N ASP A 192 10.85 4.10 4.35
CA ASP A 192 11.02 2.88 5.13
C ASP A 192 10.07 2.87 6.34
N PRO A 193 9.05 1.99 6.33
CA PRO A 193 8.10 2.01 7.46
C PRO A 193 8.75 1.83 8.82
N MET A 194 9.73 0.93 8.92
CA MET A 194 10.48 0.72 10.16
C MET A 194 11.07 2.03 10.69
N VAL A 195 11.73 2.75 9.80
CA VAL A 195 12.36 4.00 10.14
C VAL A 195 11.33 5.06 10.55
N GLN A 196 10.16 5.01 9.92
CA GLN A 196 9.10 5.98 10.21
C GLN A 196 8.11 5.57 11.30
N ILE A 197 8.42 4.51 12.04
CA ILE A 197 7.58 4.11 13.18
C ILE A 197 7.28 5.26 14.15
N PRO A 198 8.29 6.10 14.48
CA PRO A 198 7.95 7.23 15.36
C PRO A 198 6.82 8.11 14.83
N ARG A 199 6.66 8.26 13.51
CA ARG A 199 5.53 9.00 12.97
C ARG A 199 4.21 8.29 13.20
N LEU A 200 4.20 6.98 12.97
CA LEU A 200 3.01 6.17 13.18
C LEU A 200 2.57 6.21 14.65
N VAL A 201 3.55 6.27 15.55
CA VAL A 201 3.24 6.34 16.96
C VAL A 201 2.73 7.73 17.34
N ALA A 202 3.41 8.76 16.86
CA ALA A 202 3.04 10.14 17.15
C ALA A 202 1.66 10.48 16.57
N ASN A 203 1.35 9.92 15.39
CA ASN A 203 0.06 10.15 14.76
C ASN A 203 -1.07 9.31 15.36
N ASN A 204 -0.70 8.36 16.23
CA ASN A 204 -1.62 7.35 16.75
C ASN A 204 -2.37 6.62 15.63
N THR A 205 -1.67 6.41 14.52
CA THR A 205 -2.20 5.64 13.41
C THR A 205 -2.67 4.27 13.87
N ARG A 206 -3.87 3.88 13.44
CA ARG A 206 -4.30 2.51 13.66
C ARG A 206 -3.63 1.65 12.61
N ILE A 207 -2.76 0.72 13.01
CA ILE A 207 -2.12 -0.11 11.98
C ILE A 207 -2.45 -1.58 12.17
N TRP A 208 -2.55 -2.26 11.03
CA TRP A 208 -2.91 -3.66 10.94
C TRP A 208 -1.82 -4.33 10.09
N VAL A 209 -1.03 -5.19 10.70
CA VAL A 209 0.12 -5.78 10.01
C VAL A 209 -0.01 -7.30 9.96
N TYR A 210 -0.02 -7.85 8.74
CA TYR A 210 -0.14 -9.30 8.57
C TYR A 210 1.13 -9.85 7.92
N CYS A 211 1.57 -11.02 8.36
CA CYS A 211 2.56 -11.75 7.58
C CYS A 211 2.40 -13.24 7.82
N GLY A 212 2.35 -13.98 6.73
CA GLY A 212 2.20 -15.43 6.80
C GLY A 212 3.55 -16.10 6.87
N ASN A 213 3.55 -17.42 6.70
CA ASN A 213 4.78 -18.20 6.75
C ASN A 213 4.60 -19.57 6.08
N ASN A 223 11.67 -22.11 -3.22
CA ASN A 223 12.49 -23.20 -3.76
C ASN A 223 13.95 -23.06 -3.31
N ILE A 224 14.12 -22.29 -2.23
CA ILE A 224 15.31 -22.12 -1.37
C ILE A 224 15.98 -20.73 -1.55
N PRO A 225 16.02 -20.19 -2.77
CA PRO A 225 16.19 -18.74 -2.73
C PRO A 225 14.88 -18.05 -2.31
N ALA A 226 13.79 -18.80 -2.32
CA ALA A 226 12.50 -18.30 -1.87
C ALA A 226 12.33 -18.54 -0.37
N LYS A 227 12.97 -19.59 0.14
CA LYS A 227 12.99 -19.87 1.57
C LYS A 227 13.64 -18.70 2.30
N PHE A 228 14.78 -18.25 1.78
CA PHE A 228 15.50 -17.10 2.30
C PHE A 228 14.61 -15.86 2.31
N LEU A 229 14.05 -15.53 1.15
CA LEU A 229 13.21 -14.35 1.01
C LEU A 229 11.93 -14.42 1.86
N GLN A 230 11.32 -15.60 1.91
CA GLN A 230 10.13 -15.80 2.74
C GLN A 230 10.46 -15.61 4.22
N GLY A 231 11.59 -16.19 4.65
CA GLY A 231 12.04 -16.06 6.03
C GLY A 231 12.42 -14.64 6.38
N LEU A 232 13.12 -13.96 5.48
CA LEU A 232 13.55 -12.59 5.71
C LEU A 232 12.35 -11.66 5.84
N THR A 233 11.30 -11.90 5.05
CA THR A 233 10.14 -11.03 5.08
C THR A 233 9.43 -11.12 6.43
N LEU A 234 9.28 -12.33 6.96
CA LEU A 234 8.60 -12.53 8.23
C LEU A 234 9.40 -11.99 9.41
N ARG A 235 10.69 -12.34 9.45
CA ARG A 235 11.60 -11.83 10.48
C ARG A 235 11.67 -10.29 10.51
N THR A 236 11.70 -9.67 9.34
CA THR A 236 11.68 -8.23 9.27
C THR A 236 10.35 -7.72 9.82
N ASN A 237 9.27 -8.43 9.50
CA ASN A 237 7.96 -8.05 10.01
C ASN A 237 7.93 -8.18 11.53
N GLN A 238 8.66 -9.15 12.07
CA GLN A 238 8.70 -9.34 13.52
C GLN A 238 9.52 -8.25 14.22
N THR A 239 10.60 -7.81 13.58
CA THR A 239 11.38 -6.67 14.07
C THR A 239 10.55 -5.40 14.04
N PHE A 240 9.73 -5.24 13.00
CA PHE A 240 8.85 -4.07 12.92
C PHE A 240 7.91 -4.05 14.13
N ARG A 241 7.29 -5.20 14.41
CA ARG A 241 6.39 -5.33 15.56
C ARG A 241 7.09 -4.94 16.86
N ASP A 242 8.27 -5.51 17.08
CA ASP A 242 9.01 -5.25 18.32
C ASP A 242 9.39 -3.78 18.43
N THR A 243 9.81 -3.19 17.33
CA THR A 243 10.26 -1.81 17.33
C THR A 243 9.08 -0.86 17.54
N TYR A 244 7.93 -1.23 16.98
CA TYR A 244 6.72 -0.45 17.15
C TYR A 244 6.35 -0.40 18.64
N ALA A 245 6.34 -1.59 19.26
CA ALA A 245 6.07 -1.72 20.69
C ALA A 245 7.09 -0.93 21.52
N ALA A 246 8.37 -1.07 21.17
CA ALA A 246 9.44 -0.41 21.90
C ALA A 246 9.36 1.11 21.81
N ASP A 247 8.84 1.61 20.68
CA ASP A 247 8.77 3.05 20.44
C ASP A 247 7.50 3.67 21.02
N GLY A 248 6.75 2.89 21.79
CA GLY A 248 5.54 3.39 22.43
C GLY A 248 4.27 3.15 21.64
N GLY A 249 4.36 2.38 20.55
CA GLY A 249 3.19 2.07 19.75
C GLY A 249 2.17 1.25 20.52
N ARG A 250 0.91 1.68 20.47
CA ARG A 250 -0.16 1.03 21.24
C ARG A 250 -1.46 0.90 20.44
N ASN A 251 -1.38 1.10 19.13
CA ASN A 251 -2.60 1.09 18.32
C ASN A 251 -2.45 0.14 17.13
N GLY A 252 -1.82 -1.00 17.39
CA GLY A 252 -1.51 -1.93 16.32
C GLY A 252 -2.10 -3.31 16.50
N VAL A 253 -2.44 -3.93 15.38
CA VAL A 253 -2.86 -5.32 15.34
C VAL A 253 -1.83 -6.08 14.53
N PHE A 254 -1.20 -7.09 15.13
CA PHE A 254 -0.16 -7.85 14.46
C PHE A 254 -0.55 -9.31 14.33
N ASN A 255 -0.79 -9.72 13.10
CA ASN A 255 -1.31 -11.06 12.83
C ASN A 255 -0.26 -11.90 12.14
N PHE A 256 0.36 -12.79 12.90
CA PHE A 256 1.36 -13.69 12.33
C PHE A 256 0.96 -15.16 12.53
N PRO A 257 -0.14 -15.59 11.92
CA PRO A 257 -0.53 -16.99 12.13
C PRO A 257 0.44 -17.90 11.39
N PRO A 258 0.94 -18.95 12.06
CA PRO A 258 1.97 -19.79 11.45
C PRO A 258 1.52 -20.43 10.15
N ASN A 259 0.23 -20.72 10.01
CA ASN A 259 -0.27 -21.34 8.79
C ASN A 259 -0.66 -20.32 7.72
N GLY A 260 -0.55 -19.04 8.05
CA GLY A 260 -0.85 -17.99 7.08
C GLY A 260 0.07 -18.05 5.87
N THR A 261 -0.49 -17.76 4.70
CA THR A 261 0.31 -17.79 3.48
C THR A 261 0.34 -16.43 2.77
N HIS A 262 1.23 -16.32 1.80
CA HIS A 262 1.46 -15.12 0.98
CA HIS A 262 1.39 -15.09 1.01
C HIS A 262 0.61 -15.22 -0.30
N SER A 263 -0.71 -15.13 -0.18
CA SER A 263 -1.61 -15.42 -1.30
C SER A 263 -2.94 -14.66 -1.19
N TRP A 264 -3.64 -14.49 -2.31
CA TRP A 264 -4.91 -13.75 -2.31
C TRP A 264 -5.98 -14.31 -1.35
N PRO A 265 -6.09 -15.64 -1.22
CA PRO A 265 -7.07 -16.12 -0.22
C PRO A 265 -6.79 -15.62 1.21
N TYR A 266 -5.53 -15.60 1.62
CA TYR A 266 -5.28 -15.13 2.98
C TYR A 266 -5.26 -13.60 3.05
N TRP A 267 -4.86 -12.94 1.97
CA TRP A 267 -4.96 -11.49 1.94
C TRP A 267 -6.43 -11.08 1.98
N ASN A 268 -7.29 -11.79 1.26
CA ASN A 268 -8.72 -11.52 1.36
C ASN A 268 -9.28 -11.82 2.76
N GLU A 269 -8.79 -12.88 3.39
CA GLU A 269 -9.25 -13.22 4.74
C GLU A 269 -8.88 -12.09 5.70
N GLN A 270 -7.70 -11.52 5.53
CA GLN A 270 -7.30 -10.37 6.34
C GLN A 270 -8.14 -9.13 6.06
N LEU A 271 -8.46 -8.87 4.79
CA LEU A 271 -9.31 -7.74 4.43
C LEU A 271 -10.68 -7.87 5.10
N VAL A 272 -11.21 -9.09 5.11
CA VAL A 272 -12.50 -9.33 5.73
C VAL A 272 -12.38 -9.15 7.25
N ALA A 273 -11.31 -9.69 7.84
CA ALA A 273 -11.13 -9.65 9.28
C ALA A 273 -10.98 -8.23 9.82
N MET A 274 -10.38 -7.34 9.02
CA MET A 274 -10.15 -5.97 9.46
C MET A 274 -11.34 -5.04 9.25
N LYS A 275 -12.38 -5.52 8.56
CA LYS A 275 -13.51 -4.65 8.21
C LYS A 275 -14.13 -4.00 9.44
N ALA A 276 -14.43 -4.79 10.46
CA ALA A 276 -14.99 -4.24 11.71
C ALA A 276 -14.03 -3.23 12.35
N ASP A 277 -12.74 -3.52 12.25
CA ASP A 277 -11.73 -2.65 12.83
C ASP A 277 -11.74 -1.31 12.11
N ILE A 278 -11.76 -1.36 10.78
CA ILE A 278 -11.81 -0.14 9.98
C ILE A 278 -13.08 0.65 10.26
N GLN A 279 -14.20 -0.06 10.29
CA GLN A 279 -15.49 0.58 10.54
C GLN A 279 -15.47 1.36 11.84
N HIS A 280 -14.93 0.76 12.89
CA HIS A 280 -14.91 1.42 14.19
C HIS A 280 -13.96 2.62 14.22
N VAL A 281 -12.82 2.52 13.55
CA VAL A 281 -11.91 3.66 13.49
C VAL A 281 -12.42 4.80 12.62
N LEU A 282 -12.89 4.48 11.42
CA LEU A 282 -13.26 5.52 10.46
C LEU A 282 -14.67 6.09 10.69
N ASN A 283 -15.58 5.27 11.21
CA ASN A 283 -16.98 5.68 11.34
C ASN A 283 -17.47 5.73 12.78
N GLY A 284 -16.60 5.35 13.72
CA GLY A 284 -16.94 5.41 15.13
C GLY A 284 -16.68 6.79 15.71
O1 P6G B . -11.06 -11.89 -13.01
C2 P6G B . -10.42 -10.81 -13.64
C3 P6G B . -11.40 -10.18 -14.62
O4 P6G B . -11.66 -8.87 -14.19
C5 P6G B . -13.08 -8.54 -14.21
C6 P6G B . -13.54 -8.44 -12.75
O7 P6G B . -14.40 -9.55 -12.47
C8 P6G B . -13.96 -10.36 -11.35
C9 P6G B . -14.76 -11.67 -11.33
O10 P6G B . -13.87 -12.72 -11.03
C11 P6G B . -14.48 -13.98 -10.88
C12 P6G B . -13.38 -15.05 -10.92
O13 P6G B . -13.96 -16.32 -11.30
C14 P6G B . -13.05 -17.19 -12.05
C15 P6G B . -12.05 -17.85 -11.08
O16 P6G B . -10.87 -17.12 -11.07
C17 P6G B . -9.81 -17.74 -10.31
C18 P6G B . -8.97 -16.66 -9.68
O19 P6G B . -8.87 -16.93 -8.31
C ACT C . -16.51 -5.78 -10.51
O ACT C . -15.54 -5.48 -11.24
OXT ACT C . -16.25 -6.37 -9.42
CH3 ACT C . -17.92 -5.47 -10.90
#